data_3UB8
#
_entry.id   3UB8
#
_cell.length_a   79.610
_cell.length_b   81.713
_cell.length_c   94.538
_cell.angle_alpha   90.00
_cell.angle_beta   90.00
_cell.angle_gamma   90.00
#
_symmetry.space_group_name_H-M   'P 21 21 21'
#
loop_
_entity.id
_entity.type
_entity.pdbx_description
1 polymer 'chemoreceptor TlpB'
2 non-polymer FORMAMIDE
3 non-polymer 'SULFATE ION'
4 non-polymer GLYCEROL
5 water water
#
_entity_poly.entity_id   1
_entity_poly.type   'polypeptide(L)'
_entity_poly.pdbx_seq_one_letter_code
;GSKVMQKDVLAQLMEHLETGQYKKREKTLAYMTKILEQGIHEYYKSFDNDTARKMALDYFKRINDDKGMIYMVVVDKNGV
VLFDPVNPKTVGQSGLDAQSVDGVYYVRGYLEAAKKGGGYTYYKMPKYDGGVPEKKFAYSHYDEVSQMVIAATSYYTDIN
TENKAIKEGVNKVFNENTTRL
;
_entity_poly.pdbx_strand_id   A,B
#
# COMPACT_ATOMS: atom_id res chain seq x y z
N MET A 14 -4.28 25.41 -10.50
CA MET A 14 -4.62 24.06 -11.00
C MET A 14 -3.36 23.31 -11.48
N GLU A 15 -2.49 24.00 -12.22
CA GLU A 15 -1.23 23.40 -12.69
C GLU A 15 -0.31 22.98 -11.53
N HIS A 16 -0.11 23.87 -10.57
CA HIS A 16 0.79 23.63 -9.45
C HIS A 16 0.17 22.57 -8.53
N LEU A 17 -1.15 22.57 -8.47
CA LEU A 17 -1.87 21.53 -7.72
C LEU A 17 -1.66 20.14 -8.33
N GLU A 18 -1.81 20.05 -9.64
CA GLU A 18 -1.61 18.81 -10.37
C GLU A 18 -0.18 18.30 -10.23
N THR A 19 0.80 19.16 -10.43
CA THR A 19 2.21 18.83 -10.24
C THR A 19 2.49 18.33 -8.80
N GLY A 20 1.89 18.98 -7.82
CA GLY A 20 2.09 18.57 -6.44
C GLY A 20 1.48 17.22 -6.15
N GLN A 21 0.34 16.93 -6.76
CA GLN A 21 -0.31 15.63 -6.61
C GLN A 21 0.49 14.49 -7.25
N TYR A 22 1.16 14.79 -8.36
CA TYR A 22 2.00 13.80 -9.00
C TYR A 22 3.25 13.53 -8.15
N LYS A 23 3.85 14.59 -7.62
CA LYS A 23 5.00 14.46 -6.74
C LYS A 23 4.66 13.67 -5.46
N LYS A 24 3.46 13.89 -4.93
CA LYS A 24 3.01 13.14 -3.76
C LYS A 24 2.88 11.65 -4.09
N ARG A 25 2.31 11.36 -5.24
CA ARG A 25 2.14 9.97 -5.65
C ARG A 25 3.50 9.29 -5.88
N GLU A 26 4.48 10.03 -6.39
CA GLU A 26 5.84 9.50 -6.47
C GLU A 26 6.31 8.98 -5.11
N LYS A 27 6.17 9.81 -4.07
CA LYS A 27 6.60 9.38 -2.75
C LYS A 27 5.77 8.18 -2.26
N THR A 28 4.46 8.21 -2.51
CA THR A 28 3.60 7.09 -2.16
C THR A 28 4.09 5.78 -2.75
N LEU A 29 4.50 5.82 -4.03
CA LEU A 29 5.01 4.60 -4.64
C LEU A 29 6.28 4.07 -4.01
N ALA A 30 7.17 4.97 -3.57
CA ALA A 30 8.38 4.51 -2.90
C ALA A 30 8.00 3.78 -1.58
N TYR A 31 7.05 4.34 -0.84
CA TYR A 31 6.56 3.71 0.38
C TYR A 31 5.84 2.39 0.17
N MET A 32 4.98 2.37 -0.83
CA MET A 32 4.28 1.15 -1.14
CA MET A 32 4.27 1.15 -1.13
C MET A 32 5.24 0.05 -1.57
N THR A 33 6.27 0.40 -2.36
CA THR A 33 7.24 -0.59 -2.77
C THR A 33 7.98 -1.18 -1.53
N LYS A 34 8.30 -0.31 -0.56
CA LYS A 34 8.93 -0.79 0.67
C LYS A 34 8.01 -1.79 1.40
N ILE A 35 6.74 -1.42 1.60
CA ILE A 35 5.87 -2.33 2.36
C ILE A 35 5.55 -3.61 1.59
N LEU A 36 5.53 -3.53 0.24
CA LEU A 36 5.34 -4.75 -0.54
C LEU A 36 6.54 -5.68 -0.41
N GLU A 37 7.74 -5.10 -0.52
CA GLU A 37 8.95 -5.88 -0.24
C GLU A 37 8.90 -6.57 1.11
N GLN A 38 8.51 -5.81 2.13
CA GLN A 38 8.48 -6.38 3.47
C GLN A 38 7.48 -7.52 3.55
N GLY A 39 6.39 -7.40 2.79
CA GLY A 39 5.42 -8.48 2.74
C GLY A 39 5.94 -9.73 2.05
N ILE A 40 6.53 -9.58 0.86
CA ILE A 40 7.02 -10.78 0.14
C ILE A 40 8.25 -11.39 0.88
N HIS A 41 8.94 -10.62 1.75
CA HIS A 41 9.98 -11.20 2.54
C HIS A 41 9.45 -12.37 3.40
N GLU A 42 8.17 -12.33 3.81
CA GLU A 42 7.59 -13.47 4.53
C GLU A 42 7.62 -14.75 3.70
N TYR A 43 7.40 -14.60 2.40
CA TYR A 43 7.43 -15.75 1.48
C TYR A 43 8.85 -16.31 1.42
N TYR A 44 9.81 -15.42 1.22
CA TYR A 44 11.21 -15.85 1.10
C TYR A 44 11.79 -16.43 2.39
N LYS A 45 11.28 -16.00 3.55
CA LYS A 45 11.77 -16.55 4.81
C LYS A 45 11.26 -17.95 5.05
N SER A 46 10.12 -18.34 4.45
CA SER A 46 9.42 -19.53 4.87
C SER A 46 9.21 -20.59 3.79
N PHE A 47 9.54 -20.24 2.55
CA PHE A 47 9.36 -21.16 1.41
C PHE A 47 10.66 -21.24 0.64
N ASP A 48 10.85 -22.29 -0.16
CA ASP A 48 12.05 -22.36 -0.98
C ASP A 48 12.02 -21.24 -2.05
N ASN A 49 13.17 -20.95 -2.66
CA ASN A 49 13.34 -19.81 -3.52
CA ASN A 49 13.28 -19.75 -3.47
C ASN A 49 12.30 -19.78 -4.66
N ASP A 50 12.16 -20.92 -5.31
CA ASP A 50 11.27 -20.99 -6.50
C ASP A 50 9.80 -20.80 -6.11
N THR A 51 9.42 -21.34 -4.96
CA THR A 51 8.04 -21.18 -4.43
C THR A 51 7.80 -19.75 -3.95
N ALA A 52 8.79 -19.15 -3.30
CA ALA A 52 8.67 -17.77 -2.83
C ALA A 52 8.51 -16.82 -4.03
N ARG A 53 9.29 -17.04 -5.10
CA ARG A 53 9.12 -16.21 -6.28
C ARG A 53 7.73 -16.37 -6.91
N LYS A 54 7.27 -17.61 -7.01
CA LYS A 54 5.90 -17.88 -7.50
C LYS A 54 4.84 -17.15 -6.70
N MET A 55 4.99 -17.17 -5.40
CA MET A 55 4.07 -16.50 -4.51
C MET A 55 4.09 -15.00 -4.74
N ALA A 56 5.29 -14.44 -4.87
CA ALA A 56 5.41 -13.01 -5.09
C ALA A 56 4.73 -12.59 -6.40
N LEU A 57 4.97 -13.34 -7.47
CA LEU A 57 4.41 -12.96 -8.77
C LEU A 57 2.91 -13.25 -8.84
N ASP A 58 2.43 -14.27 -8.14
CA ASP A 58 0.97 -14.49 -8.03
C ASP A 58 0.33 -13.35 -7.27
N TYR A 59 0.98 -12.89 -6.21
CA TYR A 59 0.51 -11.75 -5.47
C TYR A 59 0.42 -10.51 -6.36
N PHE A 60 1.50 -10.24 -7.07
CA PHE A 60 1.54 -9.07 -7.94
C PHE A 60 0.46 -9.15 -9.04
N LYS A 61 0.20 -10.35 -9.57
CA LYS A 61 -0.93 -10.54 -10.50
CA LYS A 61 -0.93 -10.48 -10.52
C LYS A 61 -2.23 -10.10 -9.85
N ARG A 62 -2.44 -10.49 -8.59
CA ARG A 62 -3.63 -10.08 -7.89
C ARG A 62 -3.75 -8.56 -7.65
N ILE A 63 -2.62 -7.91 -7.39
CA ILE A 63 -2.60 -6.44 -7.28
C ILE A 63 -3.02 -5.85 -8.64
N ASN A 64 -2.38 -6.30 -9.71
CA ASN A 64 -2.69 -5.70 -11.00
C ASN A 64 -4.18 -5.93 -11.39
N ASP A 65 -4.66 -7.13 -11.10
CA ASP A 65 -6.07 -7.48 -11.34
C ASP A 65 -7.04 -6.62 -10.57
N ASP A 66 -6.61 -6.04 -9.45
CA ASP A 66 -7.41 -5.13 -8.66
C ASP A 66 -7.76 -3.84 -9.43
N LYS A 67 -6.93 -3.49 -10.42
CA LYS A 67 -7.15 -2.28 -11.24
C LYS A 67 -7.36 -1.03 -10.39
N GLY A 68 -6.46 -0.85 -9.41
CA GLY A 68 -6.53 0.28 -8.49
C GLY A 68 -5.35 1.20 -8.64
N MET A 69 -4.79 1.62 -7.50
CA MET A 69 -3.81 2.67 -7.50
C MET A 69 -2.53 2.33 -8.25
N ILE A 70 -2.06 1.10 -8.10
CA ILE A 70 -0.77 0.70 -8.61
C ILE A 70 -0.85 -0.57 -9.47
N TYR A 71 0.15 -0.69 -10.35
CA TYR A 71 0.37 -1.88 -11.16
C TYR A 71 1.85 -2.20 -11.09
N MET A 72 2.17 -3.44 -10.81
CA MET A 72 3.55 -3.86 -10.66
C MET A 72 4.17 -4.28 -11.98
N VAL A 73 5.48 -4.10 -12.07
CA VAL A 73 6.33 -4.68 -13.13
C VAL A 73 7.60 -5.20 -12.40
N VAL A 74 8.13 -6.34 -12.80
CA VAL A 74 9.32 -6.90 -12.15
C VAL A 74 10.31 -7.35 -13.20
N VAL A 75 11.59 -7.01 -12.97
CA VAL A 75 12.67 -7.49 -13.79
C VAL A 75 13.78 -8.00 -12.87
N ASP A 76 14.67 -8.85 -13.40
CA ASP A 76 15.83 -9.23 -12.63
C ASP A 76 16.96 -8.21 -12.79
N LYS A 77 18.07 -8.39 -12.06
CA LYS A 77 19.12 -7.35 -12.05
C LYS A 77 19.83 -7.20 -13.41
N ASN A 78 19.69 -8.22 -14.25
CA ASN A 78 20.19 -8.19 -15.62
C ASN A 78 19.20 -7.72 -16.66
N GLY A 79 18.00 -7.38 -16.23
CA GLY A 79 16.99 -6.86 -17.15
C GLY A 79 16.09 -7.89 -17.81
N VAL A 80 16.11 -9.13 -17.34
CA VAL A 80 15.14 -10.16 -17.79
C VAL A 80 13.79 -9.85 -17.16
N VAL A 81 12.76 -9.72 -18.00
CA VAL A 81 11.43 -9.42 -17.50
C VAL A 81 10.84 -10.63 -16.77
N LEU A 82 10.50 -10.45 -15.49
CA LEU A 82 9.88 -11.49 -14.72
C LEU A 82 8.37 -11.40 -14.59
N PHE A 83 7.81 -10.20 -14.74
CA PHE A 83 6.37 -9.98 -14.53
C PHE A 83 5.96 -8.71 -15.22
N ASP A 84 5.03 -8.83 -16.17
CA ASP A 84 4.41 -7.68 -16.85
C ASP A 84 3.19 -8.15 -17.64
N PRO A 85 2.03 -8.15 -17.00
CA PRO A 85 0.84 -8.65 -17.71
C PRO A 85 0.40 -7.83 -18.91
N VAL A 86 0.86 -6.58 -19.00
CA VAL A 86 0.57 -5.75 -20.18
C VAL A 86 1.32 -6.25 -21.41
N ASN A 87 2.50 -6.83 -21.18
CA ASN A 87 3.40 -7.28 -22.23
C ASN A 87 3.85 -8.73 -21.98
N PRO A 88 2.89 -9.66 -21.95
CA PRO A 88 3.17 -11.01 -21.49
C PRO A 88 4.24 -11.76 -22.28
N LYS A 89 4.40 -11.43 -23.54
CA LYS A 89 5.39 -12.13 -24.36
C LYS A 89 6.83 -11.73 -24.00
N THR A 90 7.00 -10.63 -23.27
CA THR A 90 8.34 -10.24 -22.85
C THR A 90 8.85 -11.03 -21.63
N VAL A 91 7.96 -11.73 -20.92
CA VAL A 91 8.34 -12.44 -19.70
C VAL A 91 9.31 -13.56 -20.06
N GLY A 92 10.43 -13.59 -19.36
CA GLY A 92 11.43 -14.58 -19.55
C GLY A 92 12.52 -14.19 -20.54
N GLN A 93 12.31 -13.07 -21.23
CA GLN A 93 13.25 -12.52 -22.16
C GLN A 93 14.00 -11.31 -21.61
N SER A 94 15.18 -11.05 -22.14
CA SER A 94 15.83 -9.79 -21.87
C SER A 94 14.95 -8.64 -22.31
N GLY A 95 14.80 -7.65 -21.43
CA GLY A 95 14.12 -6.42 -21.76
C GLY A 95 15.02 -5.21 -21.98
N LEU A 96 16.33 -5.44 -22.16
CA LEU A 96 17.26 -4.31 -22.28
C LEU A 96 17.04 -3.46 -23.53
N ASP A 97 16.48 -4.06 -24.57
CA ASP A 97 16.19 -3.33 -25.82
C ASP A 97 14.71 -3.05 -26.00
N ALA A 98 13.90 -3.31 -24.97
CA ALA A 98 12.48 -2.98 -25.01
C ALA A 98 12.27 -1.49 -24.97
N GLN A 99 11.40 -1.00 -25.84
CA GLN A 99 11.04 0.39 -25.87
C GLN A 99 9.55 0.57 -25.76
N SER A 100 9.16 1.56 -24.96
CA SER A 100 7.80 2.05 -24.95
C SER A 100 7.51 2.68 -26.31
N VAL A 101 6.23 2.99 -26.55
CA VAL A 101 5.83 3.61 -27.82
C VAL A 101 6.31 5.05 -27.93
N ASP A 102 6.63 5.71 -26.82
CA ASP A 102 7.27 7.00 -26.84
C ASP A 102 8.81 6.93 -26.78
N GLY A 103 9.37 5.75 -27.03
CA GLY A 103 10.79 5.61 -27.27
C GLY A 103 11.68 5.50 -26.04
N VAL A 104 11.09 5.15 -24.91
CA VAL A 104 11.86 4.99 -23.66
C VAL A 104 12.24 3.56 -23.42
N TYR A 105 13.54 3.32 -23.12
CA TYR A 105 14.00 2.01 -22.73
C TYR A 105 13.62 1.83 -21.27
N TYR A 106 12.39 1.37 -21.06
CA TYR A 106 11.80 1.40 -19.76
C TYR A 106 12.53 0.46 -18.79
N VAL A 107 12.96 -0.71 -19.27
CA VAL A 107 13.72 -1.63 -18.37
C VAL A 107 15.07 -1.04 -17.99
N ARG A 108 15.76 -0.44 -18.95
CA ARG A 108 17.00 0.30 -18.61
C ARG A 108 16.70 1.32 -17.52
N GLY A 109 15.58 2.04 -17.65
CA GLY A 109 15.20 3.01 -16.63
C GLY A 109 14.99 2.36 -15.28
N TYR A 110 14.30 1.22 -15.25
CA TYR A 110 14.11 0.54 -13.97
C TYR A 110 15.48 0.20 -13.30
N LEU A 111 16.41 -0.31 -14.10
CA LEU A 111 17.72 -0.74 -13.59
C LEU A 111 18.57 0.47 -13.14
N GLU A 112 18.53 1.56 -13.91
CA GLU A 112 19.31 2.76 -13.59
C GLU A 112 18.83 3.32 -12.26
N ALA A 113 17.50 3.38 -12.10
CA ALA A 113 16.90 3.89 -10.86
C ALA A 113 17.30 2.99 -9.67
N ALA A 114 17.21 1.67 -9.84
CA ALA A 114 17.53 0.75 -8.76
C ALA A 114 19.01 0.83 -8.37
N LYS A 115 19.90 1.00 -9.34
CA LYS A 115 21.34 1.10 -9.06
C LYS A 115 21.63 2.33 -8.16
N LYS A 116 20.80 3.36 -8.24
CA LYS A 116 20.95 4.59 -7.42
C LYS A 116 20.31 4.47 -6.00
N GLY A 117 19.70 3.31 -5.72
CA GLY A 117 18.99 3.13 -4.46
C GLY A 117 17.47 3.30 -4.53
N GLY A 118 16.98 3.46 -5.75
CA GLY A 118 15.55 3.68 -5.99
C GLY A 118 15.34 4.97 -6.78
N GLY A 119 14.36 4.96 -7.67
CA GLY A 119 14.07 6.13 -8.46
C GLY A 119 13.00 5.87 -9.50
N TYR A 120 12.89 6.81 -10.45
CA TYR A 120 11.69 6.95 -11.28
C TYR A 120 12.03 6.84 -12.78
N THR A 121 11.10 6.22 -13.50
CA THR A 121 11.15 6.07 -14.97
C THR A 121 9.79 6.54 -15.50
N TYR A 122 9.84 7.31 -16.59
CA TYR A 122 8.63 7.96 -17.13
C TYR A 122 8.46 7.52 -18.56
N TYR A 123 7.27 7.05 -18.91
CA TYR A 123 7.06 6.45 -20.23
C TYR A 123 5.57 6.21 -20.48
N LYS A 124 5.20 5.89 -21.72
CA LYS A 124 3.80 5.56 -22.06
C LYS A 124 3.65 4.06 -22.20
N MET A 125 2.50 3.59 -21.79
CA MET A 125 2.20 2.18 -21.87
C MET A 125 0.70 2.04 -21.74
N PRO A 126 0.12 0.97 -22.31
CA PRO A 126 -1.29 0.68 -22.02
C PRO A 126 -1.47 0.27 -20.57
N LYS A 127 -2.72 0.26 -20.13
CA LYS A 127 -3.07 -0.30 -18.82
C LYS A 127 -3.26 -1.82 -18.90
N TYR A 128 -3.52 -2.33 -20.11
CA TYR A 128 -3.71 -3.77 -20.35
C TYR A 128 -3.29 -4.07 -21.78
N ASP A 129 -2.94 -5.34 -22.02
CA ASP A 129 -2.42 -5.79 -23.29
C ASP A 129 -3.39 -5.41 -24.41
N GLY A 130 -2.89 -4.64 -25.35
CA GLY A 130 -3.68 -4.20 -26.51
C GLY A 130 -4.49 -2.93 -26.34
N GLY A 131 -4.39 -2.30 -25.16
CA GLY A 131 -5.10 -1.07 -24.87
C GLY A 131 -4.39 0.18 -25.40
N VAL A 132 -5.05 1.31 -25.25
CA VAL A 132 -4.52 2.59 -25.66
C VAL A 132 -3.34 2.99 -24.73
N PRO A 133 -2.21 3.43 -25.30
CA PRO A 133 -1.09 3.79 -24.44
C PRO A 133 -1.34 5.11 -23.69
N GLU A 134 -0.92 5.15 -22.42
CA GLU A 134 -1.08 6.33 -21.58
CA GLU A 134 -1.21 6.19 -21.42
C GLU A 134 0.15 6.61 -20.80
N LYS A 135 0.31 7.89 -20.48
CA LYS A 135 1.48 8.28 -19.69
C LYS A 135 1.43 7.69 -18.29
N LYS A 136 2.59 7.19 -17.86
CA LYS A 136 2.72 6.62 -16.52
C LYS A 136 4.11 6.89 -15.96
N PHE A 137 4.30 6.44 -14.72
CA PHE A 137 5.66 6.40 -14.17
C PHE A 137 5.79 5.21 -13.24
N ALA A 138 7.04 4.81 -13.08
CA ALA A 138 7.43 3.69 -12.26
C ALA A 138 8.44 4.14 -11.21
N TYR A 139 8.24 3.70 -9.97
CA TYR A 139 9.31 3.69 -8.97
C TYR A 139 9.89 2.31 -8.92
N SER A 140 11.21 2.19 -9.09
CA SER A 140 11.84 0.85 -9.01
C SER A 140 12.92 0.82 -7.90
N HIS A 141 13.16 -0.35 -7.39
CA HIS A 141 14.03 -0.61 -6.27
C HIS A 141 14.50 -2.05 -6.33
N TYR A 142 15.77 -2.28 -6.03
CA TYR A 142 16.32 -3.64 -5.92
C TYR A 142 16.12 -4.22 -4.53
N ASP A 143 15.30 -5.25 -4.46
CA ASP A 143 15.03 -5.96 -3.21
C ASP A 143 16.11 -7.03 -3.02
N GLU A 144 16.96 -6.86 -2.02
CA GLU A 144 18.07 -7.76 -1.77
C GLU A 144 17.67 -9.19 -1.39
N VAL A 145 16.53 -9.35 -0.74
CA VAL A 145 16.08 -10.67 -0.31
C VAL A 145 15.64 -11.50 -1.53
N SER A 146 14.73 -10.95 -2.34
CA SER A 146 14.21 -11.69 -3.51
C SER A 146 15.13 -11.63 -4.71
N GLN A 147 16.06 -10.67 -4.70
CA GLN A 147 16.92 -10.41 -5.84
C GLN A 147 16.11 -10.07 -7.06
N MET A 148 15.10 -9.24 -6.85
CA MET A 148 14.27 -8.73 -7.94
C MET A 148 14.32 -7.20 -7.93
N VAL A 149 14.27 -6.61 -9.12
CA VAL A 149 14.04 -5.19 -9.30
C VAL A 149 12.54 -5.01 -9.44
N ILE A 150 11.93 -4.51 -8.37
CA ILE A 150 10.52 -4.33 -8.27
C ILE A 150 10.12 -2.93 -8.61
N ALA A 151 9.12 -2.80 -9.51
CA ALA A 151 8.60 -1.49 -9.91
C ALA A 151 7.11 -1.38 -9.58
N ALA A 152 6.76 -0.40 -8.76
CA ALA A 152 5.39 0.00 -8.53
C ALA A 152 5.11 1.12 -9.51
N THR A 153 3.96 1.07 -10.20
CA THR A 153 3.67 2.04 -11.26
C THR A 153 2.29 2.60 -11.11
N SER A 154 2.10 3.85 -11.56
CA SER A 154 0.79 4.46 -11.61
C SER A 154 0.65 5.26 -12.91
N TYR A 155 -0.60 5.40 -13.32
CA TYR A 155 -0.99 6.12 -14.54
C TYR A 155 -1.51 7.49 -14.16
N TYR A 156 -1.11 8.52 -14.91
CA TYR A 156 -1.55 9.85 -14.60
C TYR A 156 -3.08 10.01 -14.70
N THR A 157 -3.73 9.29 -15.62
CA THR A 157 -5.20 9.33 -15.69
CA THR A 157 -5.17 9.37 -15.70
C THR A 157 -5.81 8.92 -14.38
N ASP A 158 -5.23 7.89 -13.74
CA ASP A 158 -5.76 7.37 -12.51
C ASP A 158 -5.54 8.38 -11.36
N ILE A 159 -4.37 8.99 -11.32
CA ILE A 159 -4.09 9.99 -10.26
C ILE A 159 -5.09 11.13 -10.41
N ASN A 160 -5.38 11.53 -11.66
CA ASN A 160 -6.34 12.58 -11.91
C ASN A 160 -7.75 12.18 -11.45
N THR A 161 -8.15 10.95 -11.76
CA THR A 161 -9.45 10.45 -11.30
C THR A 161 -9.58 10.52 -9.79
N GLU A 162 -8.55 10.03 -9.10
CA GLU A 162 -8.56 10.02 -7.64
C GLU A 162 -8.61 11.41 -7.01
N ASN A 163 -8.08 12.40 -7.71
CA ASN A 163 -8.01 13.77 -7.24
C ASN A 163 -9.15 14.65 -7.82
N LYS A 164 -10.10 14.03 -8.54
CA LYS A 164 -11.16 14.79 -9.22
C LYS A 164 -12.02 15.56 -8.22
N ALA A 165 -12.41 14.95 -7.11
CA ALA A 165 -13.22 15.65 -6.12
C ALA A 165 -12.51 16.85 -5.51
N ILE A 166 -11.20 16.70 -5.21
CA ILE A 166 -10.37 17.82 -4.77
C ILE A 166 -10.38 18.97 -5.80
N LYS A 167 -10.23 18.60 -7.06
CA LYS A 167 -10.15 19.56 -8.15
C LYS A 167 -11.46 20.31 -8.29
N GLU A 168 -12.56 19.58 -8.18
CA GLU A 168 -13.88 20.19 -8.30
C GLU A 168 -14.20 21.08 -7.09
N GLY A 169 -13.71 20.70 -5.91
CA GLY A 169 -13.83 21.55 -4.71
C GLY A 169 -13.13 22.88 -4.84
N VAL A 170 -11.94 22.87 -5.44
CA VAL A 170 -11.21 24.07 -5.79
C VAL A 170 -11.88 24.85 -6.93
N MET B 14 -8.81 26.31 1.23
CA MET B 14 -7.84 25.49 2.05
C MET B 14 -8.55 24.46 2.92
N GLU B 15 -9.71 24.83 3.44
CA GLU B 15 -10.52 23.93 4.25
C GLU B 15 -11.12 22.82 3.38
N HIS B 16 -11.60 23.18 2.20
CA HIS B 16 -12.20 22.22 1.27
C HIS B 16 -11.10 21.31 0.70
N LEU B 17 -9.90 21.87 0.55
CA LEU B 17 -8.73 21.11 0.08
C LEU B 17 -8.36 20.04 1.11
N GLU B 18 -8.20 20.46 2.36
CA GLU B 18 -7.84 19.55 3.42
C GLU B 18 -8.89 18.45 3.60
N THR B 19 -10.16 18.79 3.62
CA THR B 19 -11.22 17.79 3.71
C THR B 19 -11.12 16.80 2.54
N GLY B 20 -10.86 17.30 1.34
CA GLY B 20 -10.70 16.44 0.17
C GLY B 20 -9.54 15.47 0.32
N GLN B 21 -8.43 15.99 0.84
CA GLN B 21 -7.23 15.17 1.06
C GLN B 21 -7.48 14.09 2.09
N TYR B 22 -8.27 14.37 3.14
CA TYR B 22 -8.62 13.35 4.09
C TYR B 22 -9.55 12.28 3.49
N LYS B 23 -10.52 12.68 2.66
CA LYS B 23 -11.40 11.72 2.00
C LYS B 23 -10.61 10.86 1.04
N LYS B 24 -9.64 11.44 0.34
CA LYS B 24 -8.79 10.66 -0.54
C LYS B 24 -8.03 9.60 0.24
N ARG B 25 -7.48 9.99 1.38
CA ARG B 25 -6.72 9.06 2.20
C ARG B 25 -7.62 7.92 2.75
N GLU B 26 -8.86 8.24 3.08
CA GLU B 26 -9.82 7.17 3.46
C GLU B 26 -9.90 6.11 2.38
N LYS B 27 -10.02 6.56 1.12
CA LYS B 27 -10.09 5.60 0.02
C LYS B 27 -8.79 4.80 -0.13
N THR B 28 -7.66 5.50 0.00
CA THR B 28 -6.37 4.84 -0.05
C THR B 28 -6.27 3.73 0.97
N LEU B 29 -6.72 3.99 2.19
CA LEU B 29 -6.62 2.96 3.22
C LEU B 29 -7.46 1.71 2.90
N ALA B 30 -8.64 1.89 2.27
CA ALA B 30 -9.44 0.75 1.86
C ALA B 30 -8.69 -0.11 0.83
N TYR B 31 -8.07 0.55 -0.13
CA TYR B 31 -7.28 -0.12 -1.15
C TYR B 31 -6.06 -0.82 -0.55
N MET B 32 -5.33 -0.11 0.31
CA MET B 32 -4.17 -0.73 0.96
CA MET B 32 -4.17 -0.73 0.96
C MET B 32 -4.54 -1.96 1.78
N THR B 33 -5.68 -1.89 2.46
CA THR B 33 -6.13 -3.04 3.22
C THR B 33 -6.41 -4.24 2.31
N LYS B 34 -7.02 -3.99 1.18
CA LYS B 34 -7.26 -5.04 0.21
C LYS B 34 -5.97 -5.70 -0.28
N ILE B 35 -4.98 -4.88 -0.63
CA ILE B 35 -3.73 -5.47 -1.13
C ILE B 35 -2.91 -6.16 -0.02
N LEU B 36 -3.03 -5.68 1.23
CA LEU B 36 -2.35 -6.35 2.34
C LEU B 36 -2.99 -7.73 2.58
N GLU B 37 -4.32 -7.77 2.59
CA GLU B 37 -5.03 -9.04 2.68
C GLU B 37 -4.57 -10.01 1.60
N GLN B 38 -4.52 -9.54 0.35
CA GLN B 38 -4.10 -10.39 -0.72
C GLN B 38 -2.69 -10.95 -0.53
N GLY B 39 -1.85 -10.13 0.08
CA GLY B 39 -0.47 -10.55 0.37
C GLY B 39 -0.40 -11.66 1.41
N ILE B 40 -1.11 -11.50 2.52
CA ILE B 40 -1.03 -12.49 3.57
C ILE B 40 -1.72 -13.80 3.19
N HIS B 41 -2.69 -13.73 2.29
CA HIS B 41 -3.37 -14.97 1.88
C HIS B 41 -2.40 -15.97 1.24
N GLU B 42 -1.30 -15.51 0.65
CA GLU B 42 -0.36 -16.43 -0.04
C GLU B 42 0.15 -17.50 0.87
N TYR B 43 0.31 -17.23 2.16
CA TYR B 43 0.72 -18.26 3.09
C TYR B 43 -0.37 -18.77 4.03
N TYR B 44 -1.48 -18.04 4.18
CA TYR B 44 -2.63 -18.67 4.79
C TYR B 44 -3.03 -19.93 4.01
N LYS B 45 -2.82 -19.90 2.71
CA LYS B 45 -3.19 -21.02 1.86
C LYS B 45 -2.32 -22.26 2.09
N SER B 46 -1.18 -22.11 2.78
CA SER B 46 -0.16 -23.14 2.86
C SER B 46 0.15 -23.61 4.29
N PHE B 47 0.05 -22.70 5.25
CA PHE B 47 0.46 -22.96 6.62
C PHE B 47 -0.74 -23.05 7.56
N ASP B 48 -0.56 -23.68 8.71
CA ASP B 48 -1.56 -23.66 9.73
C ASP B 48 -1.88 -22.25 10.24
N ASN B 49 -3.06 -22.11 10.81
CA ASN B 49 -3.51 -20.78 11.24
C ASN B 49 -2.54 -20.08 12.17
N ASP B 50 -2.00 -20.80 13.16
CA ASP B 50 -1.15 -20.11 14.15
C ASP B 50 0.09 -19.56 13.46
N THR B 51 0.67 -20.37 12.56
CA THR B 51 1.91 -19.99 11.87
C THR B 51 1.65 -18.82 10.93
N ALA B 52 0.57 -18.90 10.17
CA ALA B 52 0.23 -17.87 9.18
C ALA B 52 -0.07 -16.55 9.92
N ARG B 53 -0.81 -16.61 11.03
CA ARG B 53 -1.10 -15.41 11.80
C ARG B 53 0.19 -14.78 12.32
N LYS B 54 1.09 -15.61 12.88
CA LYS B 54 2.38 -15.06 13.36
C LYS B 54 3.11 -14.32 12.26
N MET B 55 3.11 -14.89 11.05
CA MET B 55 3.75 -14.25 9.91
C MET B 55 3.12 -12.90 9.53
N ALA B 56 1.80 -12.89 9.51
CA ALA B 56 1.06 -11.67 9.16
C ALA B 56 1.33 -10.58 10.16
N LEU B 57 1.30 -10.95 11.45
CA LEU B 57 1.50 -9.94 12.49
C LEU B 57 2.97 -9.49 12.61
N ASP B 58 3.90 -10.38 12.25
CA ASP B 58 5.29 -9.97 12.11
C ASP B 58 5.47 -8.94 10.99
N TYR B 59 4.86 -9.21 9.86
CA TYR B 59 4.81 -8.24 8.78
C TYR B 59 4.19 -6.88 9.21
N PHE B 60 3.05 -6.94 9.87
CA PHE B 60 2.41 -5.74 10.28
C PHE B 60 3.29 -4.94 11.29
N LYS B 61 4.03 -5.66 12.14
CA LYS B 61 4.99 -4.97 13.02
C LYS B 61 5.97 -4.18 12.19
N ARG B 62 6.47 -4.76 11.12
CA ARG B 62 7.42 -4.06 10.26
C ARG B 62 6.82 -2.84 9.53
N ILE B 63 5.55 -2.93 9.16
CA ILE B 63 4.85 -1.79 8.60
C ILE B 63 4.82 -0.67 9.63
N ASN B 64 4.41 -1.00 10.88
CA ASN B 64 4.28 0.06 11.84
C ASN B 64 5.64 0.66 12.16
N ASP B 65 6.66 -0.20 12.23
CA ASP B 65 8.05 0.25 12.51
C ASP B 65 8.61 1.17 11.42
N ASP B 66 8.04 1.11 10.21
CA ASP B 66 8.41 2.00 9.12
C ASP B 66 8.03 3.46 9.40
N LYS B 67 7.03 3.68 10.28
CA LYS B 67 6.64 5.03 10.67
C LYS B 67 6.31 5.93 9.46
N GLY B 68 5.55 5.32 8.54
CA GLY B 68 5.15 5.97 7.28
C GLY B 68 3.67 6.26 7.20
N MET B 69 3.09 5.96 6.05
CA MET B 69 1.72 6.40 5.80
C MET B 69 0.71 5.77 6.71
N ILE B 70 0.86 4.49 6.96
CA ILE B 70 -0.11 3.73 7.69
C ILE B 70 0.44 2.98 8.91
N TYR B 71 -0.46 2.68 9.83
CA TYR B 71 -0.18 1.84 10.99
C TYR B 71 -1.33 0.87 11.13
N MET B 72 -1.02 -0.41 11.32
CA MET B 72 -2.03 -1.42 11.40
C MET B 72 -2.49 -1.63 12.84
N VAL B 73 -3.75 -2.08 13.00
CA VAL B 73 -4.30 -2.59 14.25
C VAL B 73 -5.12 -3.81 13.84
N VAL B 74 -5.12 -4.88 14.63
CA VAL B 74 -5.88 -6.08 14.25
C VAL B 74 -6.61 -6.61 15.45
N VAL B 75 -7.89 -6.96 15.28
CA VAL B 75 -8.69 -7.63 16.29
C VAL B 75 -9.38 -8.83 15.68
N ASP B 76 -9.78 -9.79 16.50
CA ASP B 76 -10.56 -10.89 15.98
C ASP B 76 -12.02 -10.52 15.88
N LYS B 77 -12.83 -11.45 15.37
CA LYS B 77 -14.23 -11.16 15.07
C LYS B 77 -15.05 -10.80 16.32
N ASN B 78 -14.54 -11.22 17.48
CA ASN B 78 -15.18 -10.96 18.75
C ASN B 78 -14.62 -9.77 19.52
N GLY B 79 -13.65 -9.10 18.92
CA GLY B 79 -13.04 -7.92 19.51
C GLY B 79 -11.82 -8.17 20.40
N VAL B 80 -11.27 -9.38 20.40
CA VAL B 80 -10.01 -9.63 21.11
C VAL B 80 -8.90 -8.95 20.33
N VAL B 81 -8.08 -8.16 21.01
CA VAL B 81 -7.00 -7.45 20.33
C VAL B 81 -5.87 -8.40 19.96
N LEU B 82 -5.53 -8.50 18.68
CA LEU B 82 -4.46 -9.33 18.22
C LEU B 82 -3.14 -8.58 17.99
N PHE B 83 -3.24 -7.32 17.61
CA PHE B 83 -2.05 -6.56 17.24
C PHE B 83 -2.32 -5.09 17.46
N ASP B 84 -1.53 -4.46 18.35
CA ASP B 84 -1.58 -3.03 18.56
C ASP B 84 -0.36 -2.56 19.35
N PRO B 85 0.75 -2.25 18.67
CA PRO B 85 1.98 -1.87 19.39
C PRO B 85 1.86 -0.59 20.24
N VAL B 86 0.88 0.25 19.97
CA VAL B 86 0.64 1.46 20.77
C VAL B 86 0.11 1.09 22.16
N ASN B 87 -0.64 0.00 22.22
CA ASN B 87 -1.35 -0.41 23.43
C ASN B 87 -1.07 -1.89 23.70
N PRO B 88 0.18 -2.21 23.99
CA PRO B 88 0.55 -3.63 24.05
C PRO B 88 -0.12 -4.42 25.15
N LYS B 89 -0.56 -3.73 26.20
CA LYS B 89 -1.22 -4.43 27.30
C LYS B 89 -2.60 -4.94 26.91
N THR B 90 -3.18 -4.41 25.82
CA THR B 90 -4.49 -4.83 25.40
C THR B 90 -4.43 -6.10 24.53
N VAL B 91 -3.25 -6.48 24.06
CA VAL B 91 -3.12 -7.66 23.20
C VAL B 91 -3.47 -8.93 23.97
N GLY B 92 -4.35 -9.74 23.38
CA GLY B 92 -4.80 -10.97 23.99
C GLY B 92 -6.01 -10.83 24.90
N GLN B 93 -6.44 -9.57 25.10
CA GLN B 93 -7.62 -9.22 25.89
C GLN B 93 -8.80 -8.88 24.99
N SER B 94 -10.00 -8.96 25.52
CA SER B 94 -11.14 -8.32 24.85
C SER B 94 -10.91 -6.83 24.80
N GLY B 95 -11.12 -6.25 23.63
CA GLY B 95 -11.08 -4.83 23.50
C GLY B 95 -12.44 -4.15 23.45
N LEU B 96 -13.50 -4.87 23.79
CA LEU B 96 -14.84 -4.34 23.66
C LEU B 96 -15.09 -3.13 24.53
N ASP B 97 -14.41 -3.03 25.66
CA ASP B 97 -14.57 -1.87 26.55
C ASP B 97 -13.40 -0.91 26.52
N ALA B 98 -12.48 -1.12 25.57
CA ALA B 98 -11.35 -0.21 25.37
C ALA B 98 -11.88 1.13 24.88
N GLN B 99 -11.41 2.21 25.49
CA GLN B 99 -11.82 3.55 25.06
CA GLN B 99 -11.80 3.51 25.09
C GLN B 99 -10.58 4.39 24.82
N SER B 100 -10.64 5.15 23.74
CA SER B 100 -9.63 6.14 23.45
C SER B 100 -9.75 7.26 24.49
N VAL B 101 -8.77 8.15 24.47
CA VAL B 101 -8.79 9.27 25.44
C VAL B 101 -9.94 10.23 25.21
N ASP B 102 -10.41 10.33 23.96
CA ASP B 102 -11.62 11.08 23.62
C ASP B 102 -12.91 10.30 23.69
N GLY B 103 -12.89 9.17 24.36
CA GLY B 103 -14.09 8.47 24.71
C GLY B 103 -14.72 7.59 23.67
N VAL B 104 -13.93 7.18 22.69
CA VAL B 104 -14.45 6.34 21.61
C VAL B 104 -14.12 4.88 21.89
N TYR B 105 -15.11 4.00 21.79
CA TYR B 105 -14.89 2.57 21.89
C TYR B 105 -14.35 2.14 20.54
N TYR B 106 -13.05 2.25 20.35
CA TYR B 106 -12.49 2.11 19.03
C TYR B 106 -12.63 0.68 18.46
N VAL B 107 -12.52 -0.33 19.31
CA VAL B 107 -12.67 -1.70 18.82
C VAL B 107 -14.13 -1.97 18.41
N ARG B 108 -15.09 -1.46 19.15
CA ARG B 108 -16.49 -1.53 18.72
C ARG B 108 -16.66 -0.86 17.35
N GLY B 109 -15.99 0.26 17.15
CA GLY B 109 -16.01 0.93 15.85
C GLY B 109 -15.45 0.01 14.79
N TYR B 110 -14.30 -0.62 15.04
CA TYR B 110 -13.71 -1.49 14.03
C TYR B 110 -14.74 -2.59 13.60
N LEU B 111 -15.38 -3.17 14.58
CA LEU B 111 -16.32 -4.27 14.37
C LEU B 111 -17.60 -3.82 13.64
N GLU B 112 -18.12 -2.67 14.01
CA GLU B 112 -19.32 -2.09 13.37
C GLU B 112 -19.02 -1.81 11.91
N ALA B 113 -17.85 -1.23 11.63
CA ALA B 113 -17.45 -0.96 10.27
C ALA B 113 -17.33 -2.26 9.49
N ALA B 114 -16.67 -3.27 10.09
CA ALA B 114 -16.44 -4.52 9.39
C ALA B 114 -17.75 -5.23 9.11
N LYS B 115 -18.71 -5.12 10.00
CA LYS B 115 -20.00 -5.79 9.78
CA LYS B 115 -20.02 -5.75 9.79
C LYS B 115 -20.74 -5.23 8.55
N LYS B 116 -20.52 -3.96 8.23
CA LYS B 116 -21.08 -3.28 7.10
C LYS B 116 -20.37 -3.59 5.78
N GLY B 117 -19.28 -4.34 5.85
CA GLY B 117 -18.47 -4.58 4.67
C GLY B 117 -17.19 -3.78 4.57
N GLY B 118 -16.93 -2.96 5.59
CA GLY B 118 -15.76 -2.09 5.63
C GLY B 118 -16.23 -0.72 5.98
N GLY B 119 -15.41 0.02 6.72
CA GLY B 119 -15.77 1.37 7.11
C GLY B 119 -14.77 2.01 8.06
N TYR B 120 -15.17 3.15 8.62
CA TYR B 120 -14.25 4.06 9.28
C TYR B 120 -14.58 4.30 10.73
N THR B 121 -13.53 4.46 11.55
CA THR B 121 -13.66 4.79 12.96
C THR B 121 -12.68 5.95 13.22
N TYR B 122 -13.15 6.94 13.97
CA TYR B 122 -12.42 8.20 14.18
C TYR B 122 -12.21 8.40 15.69
N TYR B 123 -10.94 8.61 16.10
CA TYR B 123 -10.64 8.64 17.52
C TYR B 123 -9.23 9.26 17.68
N LYS B 124 -8.84 9.56 18.92
CA LYS B 124 -7.51 10.09 19.21
C LYS B 124 -6.68 8.98 19.84
N MET B 125 -5.39 8.94 19.48
CA MET B 125 -4.51 7.88 19.97
C MET B 125 -3.08 8.37 19.75
N PRO B 126 -2.15 7.94 20.61
CA PRO B 126 -0.75 8.24 20.28
C PRO B 126 -0.30 7.52 19.02
N LYS B 127 0.85 7.93 18.49
CA LYS B 127 1.51 7.20 17.42
C LYS B 127 2.39 6.06 17.94
N TYR B 128 2.74 6.10 19.22
CA TYR B 128 3.54 5.07 19.88
C TYR B 128 3.17 5.02 21.34
N ASP B 129 3.53 3.92 21.99
CA ASP B 129 3.17 3.70 23.39
C ASP B 129 3.83 4.81 24.24
N GLY B 130 3.02 5.57 24.95
CA GLY B 130 3.48 6.67 25.78
C GLY B 130 3.60 8.01 25.11
N GLY B 131 3.20 8.12 23.84
CA GLY B 131 3.28 9.37 23.14
C GLY B 131 2.05 10.27 23.35
N VAL B 132 2.13 11.49 22.83
CA VAL B 132 1.01 12.42 22.93
C VAL B 132 -0.12 11.93 21.98
N PRO B 133 -1.35 11.91 22.47
CA PRO B 133 -2.46 11.49 21.57
C PRO B 133 -2.68 12.46 20.44
N GLU B 134 -3.12 11.97 19.30
N GLU B 134 -2.99 11.88 19.26
CA GLU B 134 -3.50 12.87 18.28
CA GLU B 134 -3.17 12.54 17.97
C GLU B 134 -4.52 12.18 17.43
C GLU B 134 -4.50 12.09 17.33
N LYS B 135 -5.21 12.99 16.66
CA LYS B 135 -6.38 12.55 15.94
C LYS B 135 -6.00 11.60 14.80
N LYS B 136 -6.79 10.54 14.64
CA LYS B 136 -6.54 9.56 13.56
C LYS B 136 -7.84 8.96 13.11
N PHE B 137 -7.74 8.13 12.07
CA PHE B 137 -8.87 7.31 11.67
C PHE B 137 -8.38 5.96 11.18
N ALA B 138 -9.32 5.01 11.23
CA ALA B 138 -9.06 3.62 10.87
C ALA B 138 -10.07 3.17 9.83
N TYR B 139 -9.59 2.52 8.77
CA TYR B 139 -10.44 1.72 7.93
C TYR B 139 -10.32 0.27 8.38
N SER B 140 -11.44 -0.39 8.69
CA SER B 140 -11.43 -1.78 9.08
C SER B 140 -12.26 -2.64 8.13
N HIS B 141 -11.88 -3.91 8.02
CA HIS B 141 -12.49 -4.88 7.12
C HIS B 141 -12.28 -6.25 7.70
N TYR B 142 -13.31 -7.10 7.62
CA TYR B 142 -13.18 -8.49 8.04
C TYR B 142 -12.69 -9.38 6.89
N ASP B 143 -11.48 -9.88 7.05
CA ASP B 143 -10.84 -10.73 6.07
C ASP B 143 -11.26 -12.17 6.31
N GLU B 144 -12.10 -12.73 5.45
CA GLU B 144 -12.63 -14.07 5.73
C GLU B 144 -11.58 -15.16 5.71
N VAL B 145 -10.57 -15.05 4.87
CA VAL B 145 -9.52 -16.07 4.83
C VAL B 145 -8.76 -16.18 6.15
N SER B 146 -8.30 -15.05 6.68
CA SER B 146 -7.56 -15.06 7.94
C SER B 146 -8.44 -14.99 9.17
N GLN B 147 -9.72 -14.70 8.97
CA GLN B 147 -10.67 -14.46 10.06
C GLN B 147 -10.19 -13.39 11.04
N MET B 148 -9.57 -12.35 10.49
CA MET B 148 -9.18 -11.20 11.29
C MET B 148 -9.90 -9.97 10.82
N VAL B 149 -10.21 -9.06 11.75
CA VAL B 149 -10.66 -7.72 11.42
C VAL B 149 -9.38 -6.86 11.38
N ILE B 150 -8.99 -6.50 10.16
CA ILE B 150 -7.75 -5.78 9.87
C ILE B 150 -8.08 -4.31 9.72
N ALA B 151 -7.37 -3.44 10.44
CA ALA B 151 -7.50 -2.00 10.36
C ALA B 151 -6.22 -1.31 9.91
N ALA B 152 -6.30 -0.62 8.78
CA ALA B 152 -5.25 0.28 8.34
C ALA B 152 -5.62 1.65 8.86
N THR B 153 -4.66 2.35 9.47
CA THR B 153 -4.93 3.60 10.12
C THR B 153 -3.92 4.66 9.69
N SER B 154 -4.36 5.92 9.75
CA SER B 154 -3.49 7.06 9.49
C SER B 154 -3.82 8.21 10.43
N TYR B 155 -2.81 9.03 10.69
CA TYR B 155 -2.92 10.18 11.54
C TYR B 155 -3.04 11.45 10.71
N TYR B 156 -3.92 12.36 11.12
CA TYR B 156 -4.13 13.60 10.36
C TYR B 156 -2.85 14.44 10.25
N THR B 157 -2.01 14.43 11.29
CA THR B 157 -0.74 15.17 11.21
CA THR B 157 -0.80 15.19 11.23
C THR B 157 0.12 14.70 10.08
N ASP B 158 0.16 13.39 9.87
CA ASP B 158 0.94 12.81 8.82
C ASP B 158 0.37 13.17 7.43
N ILE B 159 -0.96 13.10 7.29
CA ILE B 159 -1.58 13.49 6.03
C ILE B 159 -1.23 14.94 5.70
N ASN B 160 -1.33 15.81 6.72
CA ASN B 160 -0.96 17.20 6.55
C ASN B 160 0.51 17.37 6.15
N THR B 161 1.40 16.60 6.77
CA THR B 161 2.81 16.66 6.41
C THR B 161 3.04 16.28 4.96
N GLU B 162 2.36 15.22 4.53
CA GLU B 162 2.53 14.71 3.16
C GLU B 162 1.99 15.68 2.13
N ASN B 163 1.01 16.47 2.52
CA ASN B 163 0.36 17.45 1.65
C ASN B 163 0.87 18.89 1.80
N LYS B 164 1.94 19.10 2.58
CA LYS B 164 2.44 20.43 2.91
C LYS B 164 2.94 21.14 1.64
N ALA B 165 3.68 20.45 0.76
CA ALA B 165 4.19 21.08 -0.46
C ALA B 165 3.03 21.54 -1.36
N ILE B 166 1.96 20.75 -1.42
CA ILE B 166 0.75 21.15 -2.18
C ILE B 166 0.11 22.40 -1.58
N LYS B 167 0.02 22.42 -0.25
CA LYS B 167 -0.55 23.56 0.48
C LYS B 167 0.27 24.82 0.23
N GLU B 168 1.58 24.69 0.28
CA GLU B 168 2.48 25.82 0.09
C GLU B 168 2.41 26.33 -1.35
N GLY B 169 2.21 25.41 -2.30
CA GLY B 169 2.06 25.78 -3.72
C GLY B 169 0.82 26.62 -3.95
N VAL B 170 -0.31 26.18 -3.41
CA VAL B 170 -1.55 26.93 -3.42
C VAL B 170 -1.36 28.31 -2.81
N ASN B 171 -0.68 28.36 -1.66
CA ASN B 171 -0.36 29.63 -1.02
C ASN B 171 0.58 30.47 -1.88
#